data_3PP9
#
_entry.id   3PP9
#
_cell.length_a   47.097
_cell.length_b   68.009
_cell.length_c   174.168
_cell.angle_alpha   90.00
_cell.angle_beta   97.61
_cell.angle_gamma   90.00
#
_symmetry.space_group_name_H-M   'C 1 2 1'
#
loop_
_entity.id
_entity.type
_entity.pdbx_description
1 polymer 'Putative streptothricin acetyltransferase'
2 non-polymer 'ACETYL COENZYME *A'
3 non-polymer 'PHOSPHATE ION'
4 non-polymer 'POTASSIUM ION'
5 water water
#
_entity_poly.entity_id   1
_entity_poly.type   'polypeptide(L)'
_entity_poly.pdbx_seq_one_letter_code
;SNA(MSE)SLLIRELETNDLDNFPEIDDSFIVNARL(MSE)LSLSKVNRRIEYTVEDVPSYEKSYLQNDNEELVYNEYIN
KPNQIIYIALLHNQIIGFIVLKKNWNNYAYIEDITVDKKYRTLGVGKRLIAQAKQWAKEGN(MSE)PGI(MSE)LETQNN
NVAACKFYEKCGFVIGGFDFLVYKGLN(MSE)TSDEVAIYWYLHFDS
;
_entity_poly.pdbx_strand_id   A,B,C
#
# COMPACT_ATOMS: atom_id res chain seq x y z
N SER A 5 -0.09 7.17 23.44
CA SER A 5 0.97 8.01 22.79
C SER A 5 0.56 9.47 22.67
N LEU A 6 1.48 10.26 22.13
CA LEU A 6 1.31 11.69 21.91
C LEU A 6 0.07 12.04 21.08
N LEU A 7 -0.63 13.12 21.48
CA LEU A 7 -1.80 13.61 20.74
C LEU A 7 -1.56 15.07 20.36
N ILE A 8 -1.82 15.42 19.10
CA ILE A 8 -1.74 16.79 18.65
C ILE A 8 -3.17 17.20 18.28
N ARG A 9 -3.68 18.27 18.90
CA ARG A 9 -5.03 18.74 18.57
C ARG A 9 -5.16 20.24 18.75
N GLU A 10 -6.20 20.80 18.15
CA GLU A 10 -6.47 22.22 18.22
C GLU A 10 -6.77 22.67 19.66
N LEU A 11 -6.20 23.80 20.02
CA LEU A 11 -6.40 24.42 21.33
C LEU A 11 -7.88 24.79 21.50
N GLU A 12 -8.39 24.58 22.72
CA GLU A 12 -9.79 24.87 23.09
C GLU A 12 -9.80 25.85 24.26
N THR A 13 -10.87 26.60 24.37
CA THR A 13 -11.02 27.56 25.46
C THR A 13 -10.81 26.86 26.81
N ASN A 14 -11.37 25.67 26.95
CA ASN A 14 -11.27 24.90 28.18
C ASN A 14 -9.82 24.46 28.53
N ASP A 15 -8.87 24.61 27.60
CA ASP A 15 -7.47 24.27 27.87
C ASP A 15 -6.70 25.44 28.49
N LEU A 16 -7.23 26.65 28.36
CA LEU A 16 -6.50 27.85 28.81
C LEU A 16 -5.99 27.89 30.26
N ASP A 17 -6.75 27.30 31.19
N ASP A 17 -6.76 27.30 31.17
CA ASP A 17 -6.35 27.28 32.60
CA ASP A 17 -6.41 27.26 32.58
C ASP A 17 -5.53 26.03 32.95
C ASP A 17 -5.60 26.01 32.97
N ASN A 18 -5.59 25.02 32.08
CA ASN A 18 -4.86 23.76 32.28
C ASN A 18 -3.53 23.87 31.53
N PHE A 19 -3.19 25.08 31.13
CA PHE A 19 -2.01 25.29 30.35
C PHE A 19 -0.85 25.50 31.31
N PRO A 20 0.08 24.55 31.33
CA PRO A 20 1.20 24.60 32.25
C PRO A 20 2.33 25.52 31.80
N GLU A 21 3.27 25.75 32.71
CA GLU A 21 4.46 26.54 32.43
C GLU A 21 5.26 25.65 31.50
N ILE A 22 5.60 26.15 30.34
CA ILE A 22 6.38 25.40 29.39
C ILE A 22 7.70 26.11 29.27
N ASP A 23 8.80 25.35 29.39
CA ASP A 23 10.13 25.93 29.31
C ASP A 23 10.50 26.10 27.83
N ASP A 24 10.47 27.34 27.34
CA ASP A 24 10.83 27.61 25.93
C ASP A 24 12.24 28.16 25.83
N SER A 25 13.02 28.06 26.90
CA SER A 25 14.39 28.54 26.84
C SER A 25 15.26 27.56 26.08
N PHE A 26 16.36 28.10 25.55
CA PHE A 26 17.31 27.29 24.81
C PHE A 26 18.70 27.87 24.98
N ILE A 27 19.71 27.06 24.66
N ILE A 27 19.65 27.07 24.53
CA ILE A 27 21.10 27.46 24.78
CA ILE A 27 21.04 27.39 24.57
C ILE A 27 21.64 27.88 23.42
C ILE A 27 21.49 27.98 23.27
N VAL A 28 22.17 29.11 23.36
CA VAL A 28 22.78 29.66 22.19
C VAL A 28 24.24 29.20 22.33
N ASN A 29 24.74 28.42 21.37
CA ASN A 29 26.13 27.97 21.42
C ASN A 29 26.89 28.23 20.13
N ALA A 30 26.19 28.78 19.14
CA ALA A 30 26.77 29.07 17.86
C ALA A 30 25.84 29.97 17.08
N ARG A 31 26.31 30.40 15.91
CA ARG A 31 25.48 31.25 15.07
C ARG A 31 25.76 30.95 13.62
N LEU A 32 24.73 31.15 12.79
N LEU A 32 24.77 31.24 12.78
CA LEU A 32 24.86 30.97 11.36
CA LEU A 32 24.92 31.04 11.35
C LEU A 32 25.53 32.18 10.73
C LEU A 32 25.53 32.27 10.70
N LEU A 34 25.93 33.80 7.12
CA LEU A 34 25.34 33.69 5.79
C LEU A 34 26.16 34.15 4.60
N SER A 35 25.91 33.49 3.46
CA SER A 35 26.56 33.84 2.21
C SER A 35 25.53 33.66 1.10
N LEU A 36 25.78 34.33 -0.03
N LEU A 36 25.82 34.29 -0.04
CA LEU A 36 24.87 34.28 -1.18
CA LEU A 36 24.97 34.18 -1.22
C LEU A 36 25.62 33.83 -2.42
C LEU A 36 25.78 33.52 -2.32
N SER A 37 25.28 32.64 -2.91
N SER A 37 25.13 32.63 -3.04
CA SER A 37 25.92 32.10 -4.11
CA SER A 37 25.77 31.98 -4.14
C SER A 37 25.28 32.72 -5.35
C SER A 37 25.20 32.60 -5.40
N LYS A 38 25.96 32.59 -6.47
CA LYS A 38 25.50 33.17 -7.74
C LYS A 38 24.65 32.13 -8.47
N VAL A 39 24.65 30.90 -7.94
CA VAL A 39 23.87 29.81 -8.52
C VAL A 39 22.50 29.70 -7.84
N ASN A 40 21.48 30.04 -8.61
CA ASN A 40 20.09 30.00 -8.18
C ASN A 40 19.82 30.82 -6.91
N ARG A 41 20.54 31.92 -6.73
N ARG A 41 20.58 31.89 -6.73
CA ARG A 41 20.35 32.80 -5.56
CA ARG A 41 20.44 32.81 -5.59
C ARG A 41 20.28 32.00 -4.25
C ARG A 41 20.30 32.03 -4.27
N ARG A 42 21.09 30.96 -4.17
CA ARG A 42 21.09 30.08 -3.02
C ARG A 42 21.82 30.75 -1.86
N ILE A 43 21.12 30.83 -0.75
CA ILE A 43 21.67 31.39 0.47
C ILE A 43 22.26 30.21 1.21
N GLU A 44 23.54 30.32 1.54
CA GLU A 44 24.22 29.26 2.23
C GLU A 44 24.70 29.75 3.56
N TYR A 45 25.18 28.84 4.38
CA TYR A 45 25.66 29.25 5.66
C TYR A 45 26.70 28.30 6.19
N THR A 46 27.43 28.80 7.16
CA THR A 46 28.43 28.01 7.89
C THR A 46 28.07 28.32 9.35
N VAL A 47 28.47 27.42 10.24
CA VAL A 47 28.18 27.59 11.65
C VAL A 47 29.45 28.01 12.38
N GLU A 48 29.34 29.01 13.26
CA GLU A 48 30.47 29.51 14.04
C GLU A 48 30.13 29.45 15.52
N ASP A 49 30.99 28.87 16.33
CA ASP A 49 30.73 28.80 17.76
C ASP A 49 30.78 30.21 18.35
N VAL A 50 29.99 30.43 19.41
CA VAL A 50 29.98 31.70 20.14
C VAL A 50 29.92 31.34 21.64
N PRO A 51 30.41 32.22 22.53
CA PRO A 51 30.32 31.92 23.96
C PRO A 51 28.86 31.63 24.29
N SER A 52 28.62 30.53 25.00
CA SER A 52 27.26 30.11 25.23
C SER A 52 26.47 30.88 26.28
N TYR A 53 25.17 30.91 26.07
CA TYR A 53 24.25 31.55 26.97
C TYR A 53 22.85 31.00 26.76
N GLU A 54 21.98 31.20 27.74
N GLU A 54 21.98 31.21 27.74
CA GLU A 54 20.61 30.76 27.65
CA GLU A 54 20.61 30.73 27.70
C GLU A 54 19.68 31.93 27.46
C GLU A 54 19.66 31.90 27.50
N LYS A 55 18.65 31.71 26.65
CA LYS A 55 17.65 32.75 26.41
C LYS A 55 16.31 32.10 26.19
N SER A 56 15.26 32.88 26.40
N SER A 56 15.26 32.87 26.40
CA SER A 56 13.90 32.41 26.20
CA SER A 56 13.90 32.41 26.19
C SER A 56 13.48 32.92 24.84
C SER A 56 13.48 32.92 24.83
N TYR A 57 12.71 32.12 24.11
CA TYR A 57 12.26 32.54 22.81
C TYR A 57 11.35 33.77 22.95
N LEU A 58 10.42 33.67 23.89
CA LEU A 58 9.48 34.75 24.22
C LEU A 58 9.88 35.37 25.55
N GLU A 64 3.27 40.42 22.24
CA GLU A 64 3.05 39.39 23.26
C GLU A 64 2.10 38.31 22.72
N LEU A 65 2.33 37.07 23.14
CA LEU A 65 1.50 35.92 22.71
C LEU A 65 0.35 35.67 23.68
N VAL A 66 -0.88 35.84 23.21
CA VAL A 66 -2.08 35.61 24.02
C VAL A 66 -2.82 34.47 23.33
N TYR A 67 -2.80 33.28 23.96
CA TYR A 67 -3.43 32.10 23.33
C TYR A 67 -4.88 32.30 22.92
N ASN A 68 -5.66 33.00 23.72
CA ASN A 68 -7.09 33.20 23.41
C ASN A 68 -7.35 33.87 22.06
N GLU A 69 -6.38 34.63 21.58
CA GLU A 69 -6.50 35.32 20.29
C GLU A 69 -6.50 34.35 19.12
N TYR A 70 -6.15 33.10 19.37
CA TYR A 70 -6.04 32.07 18.34
C TYR A 70 -7.16 31.05 18.41
N ILE A 71 -8.10 31.25 19.30
CA ILE A 71 -9.22 30.32 19.43
C ILE A 71 -10.41 30.83 18.63
N ASN A 72 -11.00 29.94 17.84
CA ASN A 72 -12.17 30.27 17.03
C ASN A 72 -11.90 31.38 16.01
N LYS A 73 -10.89 31.16 15.19
CA LYS A 73 -10.50 32.14 14.18
C LYS A 73 -10.37 31.43 12.85
N PRO A 74 -10.81 32.10 11.78
CA PRO A 74 -10.65 31.45 10.49
C PRO A 74 -9.22 31.27 9.99
N ASN A 75 -8.38 32.28 10.21
CA ASN A 75 -7.02 32.26 9.63
C ASN A 75 -5.86 32.14 10.59
N GLN A 76 -6.15 31.75 11.83
N GLN A 76 -6.15 31.73 11.82
CA GLN A 76 -5.05 31.53 12.77
CA GLN A 76 -5.08 31.54 12.80
C GLN A 76 -5.50 30.43 13.72
C GLN A 76 -5.52 30.42 13.73
N ILE A 77 -4.55 29.73 14.30
CA ILE A 77 -4.85 28.61 15.16
C ILE A 77 -3.65 28.21 15.99
N ILE A 78 -3.92 27.51 17.09
CA ILE A 78 -2.87 26.91 17.91
C ILE A 78 -3.13 25.41 18.04
N TYR A 79 -2.09 24.61 17.83
CA TYR A 79 -2.19 23.19 18.06
C TYR A 79 -1.31 22.89 19.27
N ILE A 80 -1.82 22.04 20.16
CA ILE A 80 -1.07 21.62 21.34
C ILE A 80 -0.68 20.15 21.24
N ALA A 81 0.46 19.83 21.84
CA ALA A 81 0.95 18.47 21.93
C ALA A 81 0.69 17.98 23.35
N LEU A 82 -0.05 16.87 23.47
CA LEU A 82 -0.39 16.28 24.76
C LEU A 82 0.26 14.93 24.94
N LEU A 83 0.90 14.75 26.09
CA LEU A 83 1.53 13.49 26.46
C LEU A 83 1.25 13.30 27.95
N HIS A 84 0.84 12.08 28.33
N HIS A 84 0.80 12.09 28.30
CA HIS A 84 0.50 11.75 29.72
CA HIS A 84 0.51 11.71 29.68
C HIS A 84 -0.28 12.83 30.46
C HIS A 84 -0.28 12.79 30.45
N ASN A 85 -1.39 13.24 29.86
CA ASN A 85 -2.29 14.28 30.43
C ASN A 85 -1.68 15.67 30.60
N GLN A 86 -0.64 15.99 29.86
CA GLN A 86 -0.03 17.29 30.03
C GLN A 86 0.34 17.89 28.68
N ILE A 87 0.18 19.20 28.57
CA ILE A 87 0.59 19.91 27.37
C ILE A 87 2.13 20.04 27.46
N ILE A 88 2.82 19.48 26.47
CA ILE A 88 4.30 19.51 26.44
C ILE A 88 4.87 20.32 25.26
N GLY A 89 4.00 20.89 24.44
CA GLY A 89 4.45 21.69 23.32
C GLY A 89 3.29 22.28 22.57
N PHE A 90 3.56 23.25 21.69
CA PHE A 90 2.50 23.87 20.93
C PHE A 90 3.08 24.59 19.71
N ILE A 91 2.21 24.89 18.75
CA ILE A 91 2.58 25.63 17.57
C ILE A 91 1.49 26.68 17.32
N VAL A 92 1.93 27.91 17.04
CA VAL A 92 1.06 29.06 16.80
C VAL A 92 1.17 29.44 15.32
N LEU A 93 0.04 29.45 14.63
CA LEU A 93 0.02 29.72 13.21
C LEU A 93 -0.96 30.80 12.77
N LYS A 94 -0.61 31.52 11.71
N LYS A 94 -0.59 31.57 11.74
CA LYS A 94 -1.51 32.52 11.13
CA LYS A 94 -1.51 32.56 11.16
C LYS A 94 -1.35 32.41 9.62
C LYS A 94 -1.25 32.64 9.64
N LYS A 95 -2.27 33.02 8.88
CA LYS A 95 -2.16 33.09 7.43
C LYS A 95 -1.51 34.44 7.16
N ASN A 96 -0.43 34.44 6.39
CA ASN A 96 0.31 35.66 6.09
C ASN A 96 -0.19 36.37 4.84
N TRP A 97 0.24 37.61 4.62
CA TRP A 97 -0.18 38.37 3.42
C TRP A 97 0.15 37.69 2.09
N ASN A 98 1.21 36.88 2.06
CA ASN A 98 1.61 36.19 0.82
C ASN A 98 0.96 34.82 0.68
N ASN A 99 -0.08 34.58 1.49
CA ASN A 99 -0.83 33.34 1.47
C ASN A 99 -0.22 32.16 2.18
N TYR A 100 1.05 32.24 2.62
CA TYR A 100 1.63 31.13 3.34
C TYR A 100 1.17 31.07 4.78
N ALA A 101 1.20 29.87 5.33
CA ALA A 101 0.97 29.70 6.75
C ALA A 101 2.26 30.25 7.35
N TYR A 102 2.16 30.94 8.47
CA TYR A 102 3.29 31.55 9.16
C TYR A 102 3.35 31.04 10.60
N ILE A 103 4.50 30.50 10.97
CA ILE A 103 4.68 30.00 12.33
C ILE A 103 5.15 31.14 13.21
N GLU A 104 4.27 31.59 14.09
CA GLU A 104 4.58 32.67 15.01
C GLU A 104 5.45 32.15 16.15
N ASP A 105 5.25 30.89 16.54
CA ASP A 105 6.00 30.26 17.62
C ASP A 105 5.78 28.77 17.61
N ILE A 106 6.86 28.03 17.75
CA ILE A 106 6.78 26.58 17.93
C ILE A 106 7.66 26.34 19.16
N THR A 107 7.09 25.65 20.14
CA THR A 107 7.83 25.35 21.36
C THR A 107 7.53 23.95 21.86
N VAL A 108 8.59 23.23 22.20
CA VAL A 108 8.48 21.95 22.85
C VAL A 108 9.18 22.15 24.22
N ASP A 109 8.50 21.75 25.30
CA ASP A 109 9.05 21.88 26.66
C ASP A 109 10.47 21.31 26.63
N LYS A 110 11.40 22.04 27.23
CA LYS A 110 12.82 21.68 27.21
C LYS A 110 13.12 20.21 27.49
N LYS A 111 12.51 19.66 28.53
CA LYS A 111 12.82 18.29 28.87
C LYS A 111 12.43 17.23 27.84
N TYR A 112 11.53 17.57 26.91
CA TYR A 112 11.06 16.63 25.91
C TYR A 112 11.60 16.82 24.50
N ARG A 113 12.55 17.73 24.33
CA ARG A 113 13.10 17.97 22.99
C ARG A 113 13.96 16.84 22.48
N THR A 114 14.05 16.80 21.14
CA THR A 114 14.80 15.83 20.32
C THR A 114 14.14 14.45 20.25
N LEU A 115 12.89 14.38 20.69
CA LEU A 115 12.10 13.14 20.71
C LEU A 115 10.96 13.11 19.68
N GLY A 116 11.04 13.98 18.68
CA GLY A 116 10.09 14.03 17.58
C GLY A 116 8.79 14.82 17.71
N VAL A 117 8.59 15.46 18.85
CA VAL A 117 7.37 16.22 19.07
C VAL A 117 7.25 17.41 18.11
N GLY A 118 8.34 18.14 17.95
CA GLY A 118 8.35 19.29 17.03
C GLY A 118 7.98 18.90 15.61
N LYS A 119 8.55 17.80 15.12
CA LYS A 119 8.22 17.36 13.76
C LYS A 119 6.73 17.07 13.62
N ARG A 120 6.13 16.49 14.66
CA ARG A 120 4.68 16.18 14.64
C ARG A 120 3.87 17.48 14.62
N LEU A 121 4.34 18.52 15.31
CA LEU A 121 3.64 19.81 15.29
C LEU A 121 3.69 20.42 13.88
N ILE A 122 4.85 20.32 13.25
CA ILE A 122 5.05 20.82 11.89
C ILE A 122 4.13 20.05 10.93
N ALA A 123 4.04 18.73 11.10
CA ALA A 123 3.17 17.95 10.23
C ALA A 123 1.74 18.45 10.33
N GLN A 124 1.27 18.73 11.55
CA GLN A 124 -0.08 19.23 11.70
C GLN A 124 -0.25 20.62 11.08
N ALA A 125 0.78 21.44 11.18
CA ALA A 125 0.75 22.77 10.61
C ALA A 125 0.64 22.67 9.09
N LYS A 126 1.31 21.68 8.50
CA LYS A 126 1.22 21.50 7.05
C LYS A 126 -0.20 21.13 6.68
N GLN A 127 -0.84 20.27 7.45
N GLN A 127 -0.84 20.27 7.46
CA GLN A 127 -2.23 19.87 7.17
CA GLN A 127 -2.21 19.87 7.17
C GLN A 127 -3.15 21.10 7.22
C GLN A 127 -3.16 21.08 7.24
N TRP A 128 -2.98 21.92 8.24
CA TRP A 128 -3.79 23.13 8.39
C TRP A 128 -3.60 24.06 7.20
N ALA A 129 -2.34 24.25 6.80
CA ALA A 129 -2.03 25.10 5.67
C ALA A 129 -2.73 24.58 4.43
N LYS A 130 -2.62 23.28 4.19
CA LYS A 130 -3.26 22.71 2.98
C LYS A 130 -4.78 22.83 3.01
N GLU A 131 -5.38 22.60 4.19
CA GLU A 131 -6.84 22.71 4.35
C GLU A 131 -7.34 24.12 4.01
N GLY A 132 -6.48 25.11 4.24
CA GLY A 132 -6.78 26.51 3.95
C GLY A 132 -6.29 26.97 2.58
N ASN A 133 -5.83 26.05 1.74
CA ASN A 133 -5.37 26.39 0.39
C ASN A 133 -4.14 27.30 0.36
N PRO A 135 -0.18 27.74 0.01
CA PRO A 135 0.82 27.02 -0.77
C PRO A 135 2.12 26.64 -0.07
N GLY A 136 2.27 26.97 1.21
CA GLY A 136 3.47 26.63 1.94
C GLY A 136 3.41 27.17 3.35
N ILE A 137 4.53 27.02 4.06
CA ILE A 137 4.65 27.50 5.42
C ILE A 137 5.97 28.24 5.51
N LEU A 139 8.54 31.05 8.26
CA LEU A 139 8.79 31.57 9.60
C LEU A 139 10.08 32.36 9.61
N GLU A 140 10.30 33.07 10.72
N GLU A 140 10.39 32.90 10.78
CA GLU A 140 11.51 33.85 10.93
CA GLU A 140 11.60 33.65 10.99
C GLU A 140 12.13 33.34 12.20
C GLU A 140 12.36 33.07 12.19
N THR A 141 13.45 33.26 12.19
N THR A 141 13.69 33.00 12.07
CA THR A 141 14.20 32.86 13.36
CA THR A 141 14.53 32.59 13.18
C THR A 141 15.46 33.76 13.32
C THR A 141 15.71 33.50 13.19
N GLN A 142 16.28 33.71 14.38
CA GLN A 142 17.50 34.51 14.48
C GLN A 142 18.66 33.56 14.16
N ASN A 143 19.75 34.11 13.65
CA ASN A 143 20.91 33.33 13.28
C ASN A 143 21.61 32.70 14.49
N ASN A 144 21.29 33.13 15.70
CA ASN A 144 21.87 32.52 16.88
C ASN A 144 21.07 31.35 17.41
N ASN A 145 19.97 30.96 16.74
CA ASN A 145 19.18 29.81 17.18
C ASN A 145 19.48 28.67 16.21
N VAL A 146 20.70 28.13 16.32
CA VAL A 146 21.16 27.06 15.44
C VAL A 146 20.31 25.79 15.62
N ALA A 147 19.85 25.52 16.84
CA ALA A 147 19.02 24.34 17.09
C ALA A 147 17.78 24.42 16.21
N ALA A 148 17.11 25.57 16.25
CA ALA A 148 15.89 25.78 15.45
C ALA A 148 16.20 25.73 13.95
N CYS A 149 17.30 26.34 13.54
CA CYS A 149 17.67 26.32 12.12
C CYS A 149 17.85 24.89 11.61
N LYS A 150 18.60 24.08 12.37
N LYS A 150 18.60 24.08 12.37
CA LYS A 150 18.82 22.68 11.96
CA LYS A 150 18.82 22.68 11.97
C LYS A 150 17.50 21.92 11.95
C LYS A 150 17.51 21.89 11.98
N PHE A 151 16.63 22.20 12.91
CA PHE A 151 15.32 21.56 12.97
C PHE A 151 14.50 21.89 11.70
N TYR A 152 14.43 23.17 11.33
CA TYR A 152 13.68 23.55 10.11
C TYR A 152 14.29 22.88 8.86
N GLU A 153 15.61 22.83 8.80
N GLU A 153 15.61 22.83 8.78
CA GLU A 153 16.31 22.23 7.68
CA GLU A 153 16.24 22.17 7.63
C GLU A 153 15.94 20.73 7.57
C GLU A 153 15.82 20.71 7.55
N LYS A 154 15.85 20.04 8.70
CA LYS A 154 15.46 18.63 8.74
C LYS A 154 14.00 18.43 8.31
N CYS A 155 13.18 19.45 8.55
CA CYS A 155 11.76 19.44 8.19
C CYS A 155 11.51 19.84 6.72
N GLY A 156 12.56 20.15 5.97
CA GLY A 156 12.42 20.50 4.55
C GLY A 156 12.40 21.97 4.18
N PHE A 157 12.56 22.83 5.18
CA PHE A 157 12.58 24.26 4.94
C PHE A 157 13.91 24.70 4.33
N VAL A 158 13.86 25.77 3.56
CA VAL A 158 15.05 26.36 2.95
C VAL A 158 15.07 27.85 3.26
N ILE A 159 16.27 28.41 3.31
CA ILE A 159 16.41 29.84 3.59
C ILE A 159 16.07 30.65 2.32
N GLY A 160 15.13 31.57 2.47
CA GLY A 160 14.71 32.43 1.37
C GLY A 160 15.18 33.86 1.50
N GLY A 161 15.58 34.28 2.70
CA GLY A 161 16.02 35.64 2.89
C GLY A 161 16.61 35.86 4.26
N PHE A 162 17.16 37.05 4.47
CA PHE A 162 17.77 37.40 5.75
C PHE A 162 17.80 38.90 5.88
N ASP A 163 18.02 39.39 7.09
CA ASP A 163 18.05 40.82 7.32
C ASP A 163 19.02 41.14 8.46
N PHE A 164 20.02 41.95 8.14
CA PHE A 164 21.07 42.36 9.07
C PHE A 164 20.77 43.59 9.92
N LEU A 165 19.71 44.33 9.60
CA LEU A 165 19.44 45.55 10.34
C LEU A 165 18.14 45.59 11.12
N VAL A 166 17.20 44.70 10.83
CA VAL A 166 15.90 44.79 11.52
C VAL A 166 16.05 44.77 13.05
N TYR A 167 16.95 43.92 13.55
CA TYR A 167 17.15 43.83 15.01
C TYR A 167 17.85 45.03 15.68
N LYS A 168 18.52 45.85 14.89
N LYS A 168 18.54 45.86 14.91
CA LYS A 168 19.19 47.06 15.38
CA LYS A 168 19.21 47.02 15.46
C LYS A 168 18.22 48.02 16.05
C LYS A 168 18.23 48.06 16.01
N GLY A 169 16.95 47.94 15.68
CA GLY A 169 15.93 48.84 16.23
C GLY A 169 15.73 48.58 17.71
N LEU A 170 15.95 47.33 18.12
CA LEU A 170 15.82 46.98 19.54
C LEU A 170 17.17 47.24 20.21
N ASN A 171 18.24 46.66 19.65
CA ASN A 171 19.59 46.82 20.20
C ASN A 171 20.68 47.08 19.14
N THR A 173 23.89 47.44 19.72
CA THR A 173 25.19 46.86 20.08
C THR A 173 25.44 45.49 19.47
N SER A 174 24.43 44.66 19.46
CA SER A 174 24.55 43.33 18.93
C SER A 174 24.34 43.28 17.41
N ASP A 175 24.67 42.13 16.85
CA ASP A 175 24.62 41.90 15.43
C ASP A 175 23.76 40.69 15.07
N GLU A 176 22.56 40.64 15.64
N GLU A 176 22.58 40.57 15.68
CA GLU A 176 21.58 39.57 15.42
CA GLU A 176 21.66 39.45 15.39
C GLU A 176 21.08 39.66 13.98
C GLU A 176 21.13 39.64 13.97
N VAL A 177 20.92 38.52 13.29
CA VAL A 177 20.43 38.51 11.91
C VAL A 177 19.15 37.69 11.83
N ALA A 178 18.13 38.24 11.17
CA ALA A 178 16.87 37.52 10.96
C ALA A 178 17.05 36.62 9.75
N ILE A 179 16.57 35.39 9.86
CA ILE A 179 16.63 34.42 8.79
C ILE A 179 15.20 33.97 8.49
N TYR A 180 14.83 34.02 7.22
CA TYR A 180 13.46 33.64 6.80
C TYR A 180 13.48 32.27 6.09
N TRP A 181 12.71 31.33 6.64
CA TRP A 181 12.67 29.94 6.16
C TRP A 181 11.34 29.65 5.52
N TYR A 182 11.39 28.84 4.46
CA TYR A 182 10.23 28.51 3.66
C TYR A 182 10.13 27.05 3.29
N LEU A 183 8.91 26.53 3.33
CA LEU A 183 8.62 25.14 2.91
C LEU A 183 7.47 25.27 1.94
N HIS A 184 7.74 25.04 0.66
CA HIS A 184 6.71 25.12 -0.39
C HIS A 184 6.14 23.75 -0.68
N PHE A 185 4.82 23.66 -0.85
CA PHE A 185 4.22 22.38 -1.14
C PHE A 185 4.21 22.12 -2.64
N ASN B 2 6.36 23.05 -22.50
CA ASN B 2 4.99 23.25 -21.93
C ASN B 2 4.85 22.45 -20.62
N ALA B 3 5.27 23.07 -19.51
CA ALA B 3 5.20 22.41 -18.20
C ALA B 3 3.77 22.22 -17.65
N SER B 5 1.03 20.96 -19.61
N SER B 5 1.07 20.96 -19.60
CA SER B 5 0.37 19.80 -20.19
CA SER B 5 0.46 19.80 -20.25
C SER B 5 0.66 18.56 -19.36
C SER B 5 0.73 18.53 -19.43
N LEU B 6 -0.07 17.48 -19.62
CA LEU B 6 0.12 16.24 -18.86
C LEU B 6 1.48 15.59 -19.08
N LEU B 7 2.13 15.25 -17.97
CA LEU B 7 3.39 14.55 -17.97
C LEU B 7 3.19 13.28 -17.16
N ILE B 8 3.56 12.15 -17.74
CA ILE B 8 3.51 10.88 -17.03
C ILE B 8 4.96 10.43 -16.90
N ARG B 9 5.41 10.22 -15.68
CA ARG B 9 6.76 9.74 -15.45
C ARG B 9 6.84 8.89 -14.20
N GLU B 10 7.96 8.18 -14.08
CA GLU B 10 8.19 7.31 -12.95
C GLU B 10 8.33 8.07 -11.64
N LEU B 11 7.73 7.54 -10.59
CA LEU B 11 7.78 8.12 -9.25
C LEU B 11 9.23 8.17 -8.74
N GLU B 12 9.58 9.25 -8.05
CA GLU B 12 10.90 9.45 -7.47
C GLU B 12 10.74 9.62 -5.98
N THR B 13 11.80 9.34 -5.23
CA THR B 13 11.77 9.44 -3.79
C THR B 13 11.33 10.83 -3.33
N ASN B 14 11.83 11.85 -4.01
CA ASN B 14 11.50 13.23 -3.63
C ASN B 14 10.04 13.66 -3.94
N ASP B 15 9.29 12.79 -4.61
CA ASP B 15 7.88 13.07 -4.90
C ASP B 15 7.00 12.67 -3.71
N LEU B 16 7.53 11.81 -2.84
CA LEU B 16 6.77 11.29 -1.71
C LEU B 16 6.38 12.31 -0.63
N ASP B 17 7.27 13.24 -0.30
CA ASP B 17 6.99 14.25 0.72
C ASP B 17 5.67 15.00 0.54
N ASN B 18 5.38 15.42 -0.70
CA ASN B 18 4.14 16.14 -1.00
C ASN B 18 3.17 15.32 -1.84
N PHE B 19 3.21 13.99 -1.70
CA PHE B 19 2.31 13.15 -2.47
C PHE B 19 0.92 13.45 -1.91
N PRO B 20 -0.05 13.78 -2.77
CA PRO B 20 -1.39 14.11 -2.27
C PRO B 20 -2.30 12.94 -1.95
N GLU B 21 -3.33 13.24 -1.16
CA GLU B 21 -4.35 12.29 -0.78
C GLU B 21 -5.38 12.45 -1.88
N ILE B 22 -5.10 11.79 -3.00
CA ILE B 22 -5.94 11.83 -4.19
C ILE B 22 -7.30 11.23 -3.89
N ASP B 23 -8.35 11.82 -4.46
CA ASP B 23 -9.69 11.31 -4.24
C ASP B 23 -9.91 10.12 -5.17
N ASP B 24 -9.83 8.91 -4.60
CA ASP B 24 -9.99 7.68 -5.35
C ASP B 24 -11.37 7.05 -5.10
N SER B 25 -12.28 7.81 -4.50
CA SER B 25 -13.60 7.29 -4.22
C SER B 25 -14.44 7.22 -5.48
N PHE B 26 -15.48 6.39 -5.46
CA PHE B 26 -16.36 6.27 -6.61
C PHE B 26 -17.74 5.88 -6.11
N ILE B 27 -18.75 6.13 -6.94
CA ILE B 27 -20.11 5.80 -6.57
C ILE B 27 -20.55 4.49 -7.19
N VAL B 28 -21.08 3.61 -6.35
CA VAL B 28 -21.58 2.32 -6.76
C VAL B 28 -23.07 2.49 -6.94
N ASN B 29 -23.53 2.34 -8.18
CA ASN B 29 -24.96 2.42 -8.46
C ASN B 29 -25.43 1.37 -9.46
N ALA B 30 -24.55 0.39 -9.76
CA ALA B 30 -24.86 -0.69 -10.67
C ALA B 30 -23.85 -1.80 -10.46
N ARG B 31 -24.10 -2.96 -11.05
CA ARG B 31 -23.17 -4.09 -10.93
C ARG B 31 -23.30 -5.03 -12.12
N LEU B 32 -22.19 -5.68 -12.45
CA LEU B 32 -22.20 -6.64 -13.55
C LEU B 32 -22.66 -8.00 -13.04
N LEU B 34 -22.56 -11.64 -14.22
CA LEU B 34 -21.83 -12.48 -15.16
C LEU B 34 -22.48 -13.82 -15.53
N SER B 35 -22.12 -14.29 -16.71
CA SER B 35 -22.59 -15.59 -17.21
C SER B 35 -21.56 -16.18 -18.19
N LEU B 36 -21.64 -17.47 -18.42
CA LEU B 36 -20.75 -18.12 -19.36
C LEU B 36 -21.52 -19.30 -19.93
N SER B 37 -21.78 -19.24 -21.23
N SER B 37 -21.79 -19.24 -21.22
CA SER B 37 -22.52 -20.29 -21.92
CA SER B 37 -22.54 -20.29 -21.92
C SER B 37 -21.69 -21.49 -22.32
C SER B 37 -21.70 -21.49 -22.31
N LYS B 38 -22.36 -22.64 -22.42
CA LYS B 38 -21.69 -23.89 -22.81
C LYS B 38 -21.28 -23.89 -24.29
N VAL B 39 -21.98 -23.12 -25.13
CA VAL B 39 -21.69 -23.08 -26.57
C VAL B 39 -20.82 -21.88 -27.01
N ASN B 40 -20.65 -20.88 -26.16
CA ASN B 40 -19.83 -19.71 -26.50
C ASN B 40 -18.79 -19.45 -25.42
N ARG B 42 -17.27 -18.32 -23.57
CA ARG B 42 -17.22 -16.87 -23.35
C ARG B 42 -17.95 -16.28 -22.17
N ILE B 43 -17.30 -15.30 -21.56
CA ILE B 43 -17.85 -14.58 -20.43
C ILE B 43 -18.64 -13.39 -20.95
N GLU B 44 -19.88 -13.26 -20.50
CA GLU B 44 -20.76 -12.17 -20.89
C GLU B 44 -21.35 -11.57 -19.63
N TYR B 45 -22.02 -10.44 -19.75
CA TYR B 45 -22.63 -9.84 -18.58
C TYR B 45 -23.81 -8.92 -18.91
N THR B 46 -24.60 -8.65 -17.87
CA THR B 46 -25.74 -7.75 -17.96
C THR B 46 -25.51 -6.79 -16.80
N VAL B 47 -25.93 -5.54 -16.95
CA VAL B 47 -25.76 -4.55 -15.90
C VAL B 47 -27.07 -4.40 -15.14
N GLU B 48 -27.00 -4.45 -13.82
CA GLU B 48 -28.17 -4.33 -12.95
C GLU B 48 -27.99 -3.15 -11.99
N ASP B 49 -29.10 -2.48 -11.66
CA ASP B 49 -29.09 -1.33 -10.75
C ASP B 49 -29.02 -1.73 -9.28
N VAL B 50 -28.50 -0.83 -8.46
CA VAL B 50 -28.39 -1.06 -7.02
C VAL B 50 -28.42 0.28 -6.29
N PRO B 51 -29.05 0.34 -5.10
CA PRO B 51 -29.08 1.60 -4.36
C PRO B 51 -27.69 2.20 -4.23
N SER B 52 -27.55 3.47 -4.58
CA SER B 52 -26.26 4.16 -4.55
C SER B 52 -25.58 4.32 -3.19
N TYR B 53 -24.25 4.27 -3.21
CA TYR B 53 -23.42 4.45 -2.02
C TYR B 53 -22.00 4.68 -2.50
N GLU B 54 -21.22 5.41 -1.71
CA GLU B 54 -19.84 5.73 -2.05
C GLU B 54 -18.94 4.62 -1.51
N LYS B 55 -17.80 4.42 -2.17
CA LYS B 55 -16.83 3.41 -1.78
C LYS B 55 -15.41 3.84 -2.12
N VAL B 66 3.09 0.12 0.03
CA VAL B 66 4.09 1.09 0.46
C VAL B 66 4.84 1.63 -0.76
N TYR B 67 4.51 2.88 -1.13
CA TYR B 67 5.10 3.56 -2.30
C TYR B 67 6.62 3.53 -2.38
N ASN B 68 7.29 3.58 -1.22
CA ASN B 68 8.76 3.57 -1.14
C ASN B 68 9.44 2.41 -1.85
N GLU B 69 8.81 1.24 -1.82
CA GLU B 69 9.38 0.03 -2.43
C GLU B 69 9.26 -0.07 -3.96
N TYR B 70 8.53 0.85 -4.58
CA TYR B 70 8.36 0.85 -6.03
C TYR B 70 9.31 1.81 -6.74
N ILE B 71 10.21 2.45 -6.01
CA ILE B 71 11.11 3.42 -6.61
C ILE B 71 12.34 2.86 -7.33
N ASN B 72 13.16 2.07 -6.66
CA ASN B 72 14.36 1.51 -7.31
C ASN B 72 14.27 0.01 -7.51
N LYS B 73 13.35 -0.40 -8.38
CA LYS B 73 13.18 -1.82 -8.67
C LYS B 73 12.96 -2.10 -10.15
N PRO B 74 13.51 -3.22 -10.63
CA PRO B 74 13.36 -3.60 -12.04
C PRO B 74 12.03 -4.23 -12.40
N ASN B 75 11.36 -4.86 -11.43
CA ASN B 75 10.09 -5.54 -11.68
C ASN B 75 8.83 -4.89 -11.12
N GLN B 76 8.96 -3.70 -10.53
CA GLN B 76 7.81 -2.98 -9.98
C GLN B 76 8.04 -1.52 -10.26
N ILE B 77 6.98 -0.74 -10.42
CA ILE B 77 7.12 0.66 -10.69
C ILE B 77 5.80 1.38 -10.50
N ILE B 78 5.90 2.68 -10.27
CA ILE B 78 4.73 3.52 -10.14
C ILE B 78 4.95 4.70 -11.07
N TYR B 79 3.93 4.98 -11.87
CA TYR B 79 3.95 6.14 -12.74
C TYR B 79 2.96 7.15 -12.20
N ILE B 80 3.35 8.42 -12.18
CA ILE B 80 2.46 9.50 -11.74
C ILE B 80 2.08 10.37 -12.93
N ALA B 81 0.86 10.90 -12.91
CA ALA B 81 0.37 11.82 -13.92
C ALA B 81 0.40 13.21 -13.27
N LEU B 82 1.19 14.11 -13.86
CA LEU B 82 1.38 15.47 -13.39
C LEU B 82 0.71 16.45 -14.31
N LEU B 83 -0.07 17.36 -13.74
CA LEU B 83 -0.71 18.40 -14.52
C LEU B 83 -0.61 19.63 -13.64
N HIS B 84 -0.20 20.75 -14.22
CA HIS B 84 0.00 22.01 -13.48
C HIS B 84 0.66 21.83 -12.11
N ASN B 85 1.76 21.08 -12.10
CA ASN B 85 2.57 20.80 -10.91
C ASN B 85 1.91 19.99 -9.79
N GLN B 86 0.80 19.32 -10.12
N GLN B 86 0.82 19.30 -10.11
CA GLN B 86 0.05 18.52 -9.16
CA GLN B 86 0.13 18.49 -9.12
C GLN B 86 -0.06 17.08 -9.66
C GLN B 86 -0.02 17.08 -9.66
N ILE B 87 0.07 16.11 -8.75
CA ILE B 87 -0.10 14.71 -9.11
C ILE B 87 -1.60 14.52 -9.11
N ILE B 88 -2.17 14.24 -10.28
CA ILE B 88 -3.61 14.09 -10.41
C ILE B 88 -4.02 12.65 -10.64
N GLY B 89 -3.04 11.77 -10.67
CA GLY B 89 -3.30 10.36 -10.88
C GLY B 89 -2.03 9.55 -10.84
N PHE B 90 -2.19 8.23 -10.75
CA PHE B 90 -1.05 7.35 -10.72
C PHE B 90 -1.45 5.92 -11.03
N ILE B 91 -0.45 5.11 -11.36
CA ILE B 91 -0.66 3.69 -11.63
C ILE B 91 0.47 2.90 -10.97
N VAL B 92 0.12 1.81 -10.32
CA VAL B 92 1.03 0.95 -9.58
C VAL B 92 1.10 -0.36 -10.32
N LEU B 93 2.32 -0.75 -10.70
CA LEU B 93 2.51 -1.96 -11.49
C LEU B 93 3.54 -2.94 -10.96
N LYS B 94 3.32 -4.23 -11.17
N LYS B 94 3.30 -4.23 -11.14
CA LYS B 94 4.30 -5.24 -10.78
CA LYS B 94 4.23 -5.28 -10.71
C LYS B 94 4.30 -6.30 -11.87
C LYS B 94 4.23 -6.44 -11.73
N LYS B 95 5.41 -7.00 -12.02
CA LYS B 95 5.50 -8.11 -12.97
C LYS B 95 4.91 -9.30 -12.19
N ASN B 96 3.88 -9.94 -12.73
CA ASN B 96 3.20 -11.06 -12.05
C ASN B 96 3.91 -12.38 -12.35
N TRP B 97 3.57 -13.42 -11.59
CA TRP B 97 4.16 -14.75 -11.77
C TRP B 97 3.91 -15.35 -13.16
N ASN B 98 2.86 -14.89 -13.85
CA ASN B 98 2.55 -15.40 -15.17
C ASN B 98 3.13 -14.53 -16.29
N ASN B 99 4.09 -13.68 -15.92
CA ASN B 99 4.79 -12.78 -16.84
C ASN B 99 3.99 -11.58 -17.34
N TYR B 100 2.76 -11.40 -16.88
CA TYR B 100 1.99 -10.22 -17.27
C TYR B 100 2.28 -9.06 -16.34
N ALA B 101 2.16 -7.85 -16.86
CA ALA B 101 2.26 -6.66 -16.03
C ALA B 101 0.93 -6.71 -15.26
N TYR B 102 0.98 -6.46 -13.97
CA TYR B 102 -0.22 -6.48 -13.12
C TYR B 102 -0.50 -5.10 -12.56
N ILE B 103 -1.71 -4.59 -12.74
CA ILE B 103 -2.05 -3.28 -12.22
C ILE B 103 -2.56 -3.44 -10.80
N GLU B 104 -1.72 -3.11 -9.84
CA GLU B 104 -2.11 -3.20 -8.43
C GLU B 104 -3.16 -2.12 -8.09
N ASP B 105 -3.03 -0.94 -8.70
CA ASP B 105 -3.96 0.15 -8.44
C ASP B 105 -3.79 1.19 -9.55
N ILE B 106 -4.90 1.79 -9.97
CA ILE B 106 -4.88 2.90 -10.92
C ILE B 106 -5.92 3.85 -10.37
N THR B 107 -5.54 5.12 -10.25
CA THR B 107 -6.45 6.12 -9.74
C THR B 107 -6.24 7.47 -10.40
N VAL B 108 -7.33 8.11 -10.73
CA VAL B 108 -7.32 9.46 -11.26
C VAL B 108 -8.17 10.28 -10.29
N ASP B 109 -7.65 11.43 -9.88
CA ASP B 109 -8.33 12.31 -8.94
C ASP B 109 -9.73 12.55 -9.51
N LYS B 110 -10.74 12.40 -8.67
CA LYS B 110 -12.14 12.49 -9.09
C LYS B 110 -12.51 13.61 -10.04
N LYS B 111 -12.07 14.82 -9.72
CA LYS B 111 -12.42 15.97 -10.56
C LYS B 111 -11.83 15.94 -11.97
N TYR B 112 -10.82 15.11 -12.19
CA TYR B 112 -10.19 15.01 -13.52
C TYR B 112 -10.62 13.78 -14.32
N ARG B 113 -11.55 12.98 -13.80
CA ARG B 113 -11.99 11.78 -14.53
C ARG B 113 -12.78 12.08 -15.81
N THR B 114 -12.67 11.16 -16.76
CA THR B 114 -13.31 11.19 -18.07
C THR B 114 -12.59 12.13 -19.06
N LEU B 115 -11.37 12.55 -18.73
CA LEU B 115 -10.57 13.46 -19.56
C LEU B 115 -9.34 12.81 -20.22
N GLY B 116 -9.29 11.48 -20.18
CA GLY B 116 -8.25 10.72 -20.83
C GLY B 116 -6.99 10.41 -20.07
N VAL B 117 -6.91 10.85 -18.82
CA VAL B 117 -5.72 10.64 -18.02
C VAL B 117 -5.49 9.15 -17.74
N GLY B 118 -6.56 8.45 -17.41
CA GLY B 118 -6.47 7.02 -17.11
C GLY B 118 -5.92 6.25 -18.29
N LYS B 119 -6.45 6.52 -19.47
CA LYS B 119 -6.02 5.86 -20.70
C LYS B 119 -4.54 6.14 -20.96
N ARG B 120 -4.08 7.35 -20.63
CA ARG B 120 -2.65 7.67 -20.84
C ARG B 120 -1.80 6.92 -19.83
N LEU B 121 -2.30 6.71 -18.60
CA LEU B 121 -1.57 5.91 -17.62
C LEU B 121 -1.45 4.46 -18.12
N ILE B 122 -2.54 3.93 -18.70
CA ILE B 122 -2.53 2.57 -19.25
C ILE B 122 -1.52 2.49 -20.40
N ALA B 123 -1.48 3.52 -21.24
CA ALA B 123 -0.54 3.56 -22.37
C ALA B 123 0.90 3.45 -21.87
N GLN B 124 1.23 4.18 -20.80
CA GLN B 124 2.56 4.12 -20.21
C GLN B 124 2.82 2.72 -19.64
N ALA B 125 1.79 2.13 -19.02
CA ALA B 125 1.91 0.78 -18.45
C ALA B 125 2.24 -0.22 -19.55
N LYS B 126 1.61 -0.06 -20.71
CA LYS B 126 1.86 -0.95 -21.84
C LYS B 126 3.32 -0.83 -22.29
N GLN B 127 3.86 0.39 -22.35
N GLN B 127 3.86 0.38 -22.32
CA GLN B 127 5.26 0.59 -22.74
CA GLN B 127 5.26 0.59 -22.72
C GLN B 127 6.20 -0.08 -21.75
C GLN B 127 6.20 -0.10 -21.75
N TRP B 128 5.95 0.07 -20.45
CA TRP B 128 6.76 -0.55 -19.41
C TRP B 128 6.73 -2.07 -19.53
N ALA B 129 5.54 -2.61 -19.75
CA ALA B 129 5.34 -4.04 -19.91
C ALA B 129 6.22 -4.54 -21.07
N LYS B 130 6.08 -3.90 -22.23
CA LYS B 130 6.86 -4.27 -23.41
C LYS B 130 8.37 -4.14 -23.21
N GLU B 131 8.82 -3.08 -22.56
CA GLU B 131 10.25 -2.91 -22.29
C GLU B 131 10.78 -4.08 -21.46
N GLY B 132 9.91 -4.63 -20.61
CA GLY B 132 10.26 -5.78 -19.77
C GLY B 132 9.91 -7.14 -20.37
N ASN B 133 9.61 -7.16 -21.67
N ASN B 133 9.60 -7.15 -21.67
CA ASN B 133 9.25 -8.39 -22.38
CA ASN B 133 9.26 -8.36 -22.41
C ASN B 133 8.06 -9.13 -21.80
C ASN B 133 8.06 -9.12 -21.82
N PRO B 135 4.17 -10.13 -22.13
CA PRO B 135 3.22 -10.26 -23.24
C PRO B 135 1.86 -9.58 -23.09
N GLY B 136 1.57 -8.98 -21.94
CA GLY B 136 0.30 -8.30 -21.73
C GLY B 136 0.19 -7.66 -20.36
N ILE B 137 -1.01 -7.15 -20.07
N ILE B 137 -1.00 -7.14 -20.07
CA ILE B 137 -1.30 -6.50 -18.80
CA ILE B 137 -1.30 -6.51 -18.80
C ILE B 137 -2.63 -7.04 -18.27
C ILE B 137 -2.63 -7.04 -18.27
N LEU B 139 -5.40 -7.21 -14.47
CA LEU B 139 -5.83 -6.66 -13.20
C LEU B 139 -7.10 -7.31 -12.71
N GLU B 140 -7.42 -6.99 -11.46
CA GLU B 140 -8.60 -7.46 -10.79
C GLU B 140 -9.43 -6.26 -10.39
N THR B 141 -10.73 -6.34 -10.64
CA THR B 141 -11.65 -5.31 -10.16
C THR B 141 -12.87 -6.08 -9.66
N GLN B 142 -13.88 -5.36 -9.21
CA GLN B 142 -15.12 -5.98 -8.71
C GLN B 142 -16.29 -5.65 -9.61
N ASN B 143 -17.29 -6.51 -9.60
CA ASN B 143 -18.46 -6.33 -10.46
C ASN B 143 -19.27 -5.09 -10.13
N ASN B 144 -19.13 -4.54 -8.94
CA ASN B 144 -19.86 -3.33 -8.59
C ASN B 144 -19.07 -2.06 -8.92
N ASN B 145 -17.88 -2.19 -9.52
CA ASN B 145 -17.13 -1.03 -9.95
C ASN B 145 -17.32 -0.97 -11.46
N VAL B 146 -18.54 -0.60 -11.86
CA VAL B 146 -18.90 -0.57 -13.27
C VAL B 146 -18.08 0.46 -14.06
N ALA B 147 -17.78 1.60 -13.45
CA ALA B 147 -16.96 2.63 -14.12
C ALA B 147 -15.61 2.03 -14.52
N ALA B 148 -14.98 1.30 -13.61
CA ALA B 148 -13.69 0.67 -13.91
C ALA B 148 -13.84 -0.39 -15.00
N CYS B 149 -14.87 -1.22 -14.91
CA CYS B 149 -15.08 -2.27 -15.91
C CYS B 149 -15.26 -1.65 -17.30
N LYS B 150 -16.06 -0.58 -17.40
CA LYS B 150 -16.28 0.09 -18.68
C LYS B 150 -14.98 0.72 -19.20
N PHE B 151 -14.20 1.28 -18.30
CA PHE B 151 -12.91 1.85 -18.63
C PHE B 151 -11.99 0.79 -19.21
N TYR B 152 -11.89 -0.38 -18.56
CA TYR B 152 -11.00 -1.42 -19.07
C TYR B 152 -11.47 -1.93 -20.43
N GLU B 153 -12.79 -2.05 -20.57
N GLU B 153 -12.78 -2.08 -20.59
CA GLU B 153 -13.39 -2.49 -21.82
CA GLU B 153 -13.32 -2.57 -21.85
C GLU B 153 -12.98 -1.54 -22.94
C GLU B 153 -13.02 -1.54 -22.98
N LYS B 154 -13.11 -0.24 -22.68
CA LYS B 154 -12.78 0.79 -23.69
C LYS B 154 -11.28 0.81 -24.01
N CYS B 155 -10.44 0.38 -23.06
CA CYS B 155 -8.98 0.31 -23.28
C CYS B 155 -8.54 -0.99 -23.97
N GLY B 156 -9.49 -1.85 -24.33
CA GLY B 156 -9.17 -3.10 -25.03
C GLY B 156 -9.07 -4.36 -24.21
N PHE B 157 -9.29 -4.28 -22.90
CA PHE B 157 -9.23 -5.47 -22.03
C PHE B 157 -10.48 -6.33 -22.19
N VAL B 158 -10.33 -7.63 -21.93
CA VAL B 158 -11.42 -8.58 -22.00
C VAL B 158 -11.44 -9.35 -20.68
N ILE B 159 -12.61 -9.82 -20.27
CA ILE B 159 -12.74 -10.56 -19.03
C ILE B 159 -12.23 -11.97 -19.28
N GLY B 160 -11.27 -12.40 -18.47
CA GLY B 160 -10.71 -13.75 -18.56
C GLY B 160 -11.17 -14.69 -17.46
N GLY B 161 -11.68 -14.15 -16.36
CA GLY B 161 -12.14 -14.98 -15.26
C GLY B 161 -12.91 -14.20 -14.25
N PHE B 162 -13.56 -14.91 -13.34
N PHE B 162 -13.46 -14.90 -13.28
CA PHE B 162 -14.30 -14.26 -12.25
CA PHE B 162 -14.23 -14.27 -12.22
C PHE B 162 -14.37 -15.23 -11.08
C PHE B 162 -14.20 -15.19 -11.03
N ASP B 163 -14.66 -14.69 -9.90
CA ASP B 163 -14.70 -15.50 -8.69
C ASP B 163 -15.72 -14.91 -7.72
N PHE B 164 -16.72 -15.71 -7.38
N PHE B 164 -16.75 -15.67 -7.40
CA PHE B 164 -17.79 -15.33 -6.47
CA PHE B 164 -17.77 -15.18 -6.47
C PHE B 164 -17.51 -15.52 -5.00
C PHE B 164 -17.60 -15.60 -5.00
N LEU B 165 -16.51 -16.32 -4.67
CA LEU B 165 -16.26 -16.67 -3.26
C LEU B 165 -15.01 -16.04 -2.64
N VAL B 166 -14.10 -15.53 -3.46
CA VAL B 166 -12.85 -14.99 -2.96
C VAL B 166 -13.02 -13.88 -1.92
N TYR B 167 -14.04 -13.04 -2.06
CA TYR B 167 -14.21 -11.96 -1.10
C TYR B 167 -15.05 -12.35 0.13
N LYS B 168 -15.57 -13.58 0.17
CA LYS B 168 -16.38 -14.03 1.30
C LYS B 168 -15.57 -14.15 2.58
N GLY B 169 -14.26 -14.39 2.44
CA GLY B 169 -13.37 -14.54 3.59
C GLY B 169 -13.22 -13.27 4.40
N LEU B 170 -13.40 -12.13 3.74
CA LEU B 170 -13.31 -10.84 4.39
C LEU B 170 -14.69 -10.55 5.02
N ASN B 171 -15.77 -10.96 4.34
CA ASN B 171 -17.13 -10.73 4.82
C ASN B 171 -18.11 -11.65 4.05
N THR B 173 -21.40 -11.75 4.21
CA THR B 173 -22.63 -11.04 3.80
C THR B 173 -22.42 -10.25 2.49
N SER B 174 -21.16 -10.12 2.05
CA SER B 174 -20.83 -9.39 0.84
C SER B 174 -21.21 -10.17 -0.43
N ASP B 175 -21.65 -9.44 -1.44
CA ASP B 175 -22.04 -10.03 -2.72
C ASP B 175 -21.07 -9.68 -3.85
N GLU B 176 -19.92 -9.09 -3.54
N GLU B 176 -19.90 -9.12 -3.52
CA GLU B 176 -18.97 -8.72 -4.59
CA GLU B 176 -18.94 -8.74 -4.55
C GLU B 176 -18.34 -9.92 -5.27
C GLU B 176 -18.33 -9.94 -5.28
N VAL B 177 -18.18 -9.78 -6.59
CA VAL B 177 -17.60 -10.80 -7.44
C VAL B 177 -16.32 -10.20 -8.05
N ALA B 178 -15.22 -10.92 -7.94
CA ALA B 178 -13.95 -10.49 -8.51
C ALA B 178 -14.01 -10.75 -10.01
N ILE B 179 -13.54 -9.79 -10.80
CA ILE B 179 -13.50 -9.91 -12.26
C ILE B 179 -12.05 -9.67 -12.66
N TYR B 180 -11.50 -10.58 -13.45
CA TYR B 180 -10.11 -10.50 -13.90
C TYR B 180 -10.08 -10.10 -15.37
N TRP B 181 -9.45 -8.96 -15.64
CA TRP B 181 -9.36 -8.38 -16.99
C TRP B 181 -7.95 -8.52 -17.56
N TYR B 182 -7.89 -8.77 -18.87
CA TYR B 182 -6.63 -9.00 -19.59
C TYR B 182 -6.53 -8.30 -20.91
N LEU B 183 -5.33 -7.81 -21.21
CA LEU B 183 -5.03 -7.21 -22.48
C LEU B 183 -3.75 -7.87 -22.95
N HIS B 184 -3.85 -8.71 -23.98
CA HIS B 184 -2.71 -9.40 -24.57
C HIS B 184 -2.20 -8.57 -25.73
N PHE B 185 -0.90 -8.32 -25.79
CA PHE B 185 -0.37 -7.49 -26.86
C PHE B 185 -0.28 -8.25 -28.18
N ASP B 186 -0.95 -7.72 -29.19
CA ASP B 186 -0.95 -8.31 -30.53
C ASP B 186 -0.26 -7.37 -31.48
N SER C 5 -3.52 -46.96 9.96
CA SER C 5 -2.18 -46.71 10.44
C SER C 5 -1.75 -45.49 9.67
N LEU C 6 -1.43 -44.40 10.35
CA LEU C 6 -1.01 -43.17 9.68
C LEU C 6 -0.77 -42.07 10.71
N LEU C 7 0.39 -41.42 10.59
CA LEU C 7 0.75 -40.34 11.47
C LEU C 7 0.85 -39.05 10.67
N ILE C 8 0.16 -38.01 11.12
CA ILE C 8 0.17 -36.69 10.49
C ILE C 8 0.70 -35.72 11.53
N ARG C 9 1.79 -35.05 11.19
CA ARG C 9 2.43 -34.13 12.09
C ARG C 9 3.05 -32.96 11.35
N GLU C 10 3.27 -31.88 12.09
CA GLU C 10 3.88 -30.67 11.59
C GLU C 10 5.34 -30.92 11.24
N LEU C 11 5.84 -30.21 10.22
CA LEU C 11 7.21 -30.35 9.78
C LEU C 11 8.14 -29.66 10.78
N GLU C 12 9.28 -30.29 11.05
CA GLU C 12 10.29 -29.73 11.94
C GLU C 12 11.59 -29.72 11.15
N THR C 13 12.55 -28.91 11.59
CA THR C 13 13.84 -28.79 10.90
C THR C 13 14.53 -30.13 10.68
N ASN C 14 14.51 -31.01 11.68
CA ASN C 14 15.17 -32.31 11.57
C ASN C 14 14.57 -33.25 10.50
N ASP C 15 13.40 -32.89 9.96
CA ASP C 15 12.77 -33.68 8.92
C ASP C 15 13.27 -33.28 7.53
N LEU C 16 13.67 -32.01 7.40
CA LEU C 16 14.14 -31.44 6.12
C LEU C 16 15.31 -32.14 5.46
N ASP C 17 16.41 -32.24 6.21
CA ASP C 17 17.63 -32.85 5.70
C ASP C 17 17.42 -34.12 4.88
N ASN C 18 16.63 -35.06 5.42
CA ASN C 18 16.38 -36.32 4.74
C ASN C 18 14.88 -36.51 4.45
N PHE C 19 14.37 -35.62 3.60
CA PHE C 19 12.98 -35.64 3.18
C PHE C 19 13.04 -36.43 1.87
N PRO C 20 12.27 -37.53 1.74
CA PRO C 20 12.33 -38.35 0.52
C PRO C 20 11.77 -37.69 -0.74
N GLU C 21 12.17 -38.21 -1.90
CA GLU C 21 11.69 -37.68 -3.18
C GLU C 21 10.34 -38.32 -3.50
N ILE C 22 9.28 -37.63 -3.09
CA ILE C 22 7.91 -38.07 -3.27
C ILE C 22 7.48 -37.97 -4.73
N ASP C 23 6.75 -38.97 -5.20
CA ASP C 23 6.27 -39.01 -6.58
C ASP C 23 4.95 -38.27 -6.63
N ASP C 24 4.98 -37.04 -7.14
CA ASP C 24 3.76 -36.22 -7.23
C ASP C 24 3.20 -36.22 -8.63
N SER C 25 3.53 -37.25 -9.42
CA SER C 25 3.04 -37.33 -10.78
C SER C 25 1.59 -37.78 -10.80
N PHE C 26 0.88 -37.36 -11.84
CA PHE C 26 -0.52 -37.75 -12.00
C PHE C 26 -0.81 -37.89 -13.49
N ILE C 27 -1.87 -38.63 -13.80
CA ILE C 27 -2.27 -38.86 -15.17
C ILE C 27 -3.32 -37.86 -15.57
N VAL C 28 -3.08 -37.22 -16.71
CA VAL C 28 -4.02 -36.28 -17.27
C VAL C 28 -4.73 -37.10 -18.33
N ASN C 29 -6.02 -37.32 -18.14
CA ASN C 29 -6.79 -38.08 -19.12
C ASN C 29 -8.12 -37.43 -19.47
N ALA C 30 -8.36 -36.23 -18.94
CA ALA C 30 -9.58 -35.51 -19.21
C ALA C 30 -9.43 -34.07 -18.77
N ARG C 31 -10.46 -33.28 -19.04
CA ARG C 31 -10.47 -31.88 -18.66
C ARG C 31 -11.89 -31.45 -18.34
N LEU C 32 -12.01 -30.48 -17.44
CA LEU C 32 -13.30 -29.95 -17.04
C LEU C 32 -13.65 -28.76 -17.95
N LEU C 34 -16.05 -25.81 -18.12
CA LEU C 34 -16.88 -25.04 -17.23
C LEU C 34 -17.92 -24.13 -17.86
N SER C 35 -18.94 -23.84 -17.07
CA SER C 35 -20.00 -22.96 -17.48
C SER C 35 -20.64 -22.40 -16.22
N LEU C 36 -21.50 -21.41 -16.42
CA LEU C 36 -22.23 -20.82 -15.32
C LEU C 36 -23.55 -20.27 -15.86
N ARG C 42 -24.29 -21.68 -9.44
CA ARG C 42 -22.86 -21.91 -9.25
C ARG C 42 -22.17 -22.38 -10.52
N ILE C 43 -20.85 -22.48 -10.43
CA ILE C 43 -20.03 -22.93 -11.53
C ILE C 43 -20.12 -24.43 -11.62
N GLU C 44 -20.57 -24.93 -12.78
CA GLU C 44 -20.70 -26.37 -13.05
C GLU C 44 -19.84 -26.77 -14.26
N TYR C 45 -19.78 -28.06 -14.58
CA TYR C 45 -18.95 -28.50 -15.68
C TYR C 45 -19.29 -29.87 -16.23
N THR C 46 -18.67 -30.18 -17.37
CA THR C 46 -18.77 -31.47 -18.05
C THR C 46 -17.32 -31.95 -18.17
N VAL C 47 -17.14 -33.28 -18.18
CA VAL C 47 -15.82 -33.87 -18.28
C VAL C 47 -15.60 -34.34 -19.70
N GLU C 48 -14.49 -33.92 -20.32
CA GLU C 48 -14.16 -34.29 -21.69
C GLU C 48 -12.83 -35.03 -21.67
N ASP C 49 -12.79 -36.23 -22.23
CA ASP C 49 -11.54 -36.98 -22.27
C ASP C 49 -10.55 -36.33 -23.23
N VAL C 50 -9.27 -36.57 -22.99
CA VAL C 50 -8.17 -36.06 -23.84
C VAL C 50 -7.09 -37.14 -23.88
N PRO C 51 -6.16 -37.06 -24.86
CA PRO C 51 -5.09 -38.06 -24.93
C PRO C 51 -4.31 -38.08 -23.61
N SER C 52 -4.23 -39.25 -23.00
CA SER C 52 -3.57 -39.38 -21.71
C SER C 52 -2.06 -39.23 -21.69
N TYR C 53 -1.56 -38.58 -20.64
CA TYR C 53 -0.13 -38.38 -20.44
C TYR C 53 0.10 -38.10 -18.96
N GLU C 54 1.34 -38.21 -18.52
CA GLU C 54 1.67 -37.95 -17.12
C GLU C 54 2.43 -36.65 -16.91
N LYS C 55 2.31 -36.09 -15.71
CA LYS C 55 3.02 -34.87 -15.36
C LYS C 55 3.18 -34.74 -13.85
N SER C 56 4.18 -33.93 -13.45
N SER C 56 4.17 -33.95 -13.43
CA SER C 56 4.49 -33.64 -12.06
CA SER C 56 4.43 -33.70 -12.01
C SER C 56 3.85 -32.32 -11.65
C SER C 56 3.83 -32.34 -11.66
N TYR C 57 3.23 -32.24 -10.47
CA TYR C 57 2.61 -30.96 -10.06
C TYR C 57 3.65 -29.87 -9.75
N LEU C 58 4.54 -30.16 -8.80
CA LEU C 58 5.56 -29.20 -8.40
C LEU C 58 6.66 -29.08 -9.43
N ASN C 62 3.87 -20.50 -10.43
CA ASN C 62 4.88 -21.55 -10.34
C ASN C 62 6.04 -21.13 -9.45
N GLU C 63 5.76 -21.10 -8.14
CA GLU C 63 6.74 -20.72 -7.14
C GLU C 63 7.64 -21.90 -6.80
N GLU C 64 8.77 -21.59 -6.17
CA GLU C 64 9.71 -22.62 -5.75
C GLU C 64 9.62 -22.62 -4.22
N LEU C 65 8.92 -23.61 -3.70
CA LEU C 65 8.72 -23.75 -2.26
C LEU C 65 9.99 -24.15 -1.51
N VAL C 66 10.34 -23.37 -0.49
CA VAL C 66 11.49 -23.64 0.36
C VAL C 66 10.79 -24.08 1.65
N TYR C 67 10.89 -25.37 1.97
CA TYR C 67 10.20 -25.91 3.15
C TYR C 67 10.68 -25.42 4.52
N ASN C 68 11.93 -24.97 4.62
N ASN C 68 11.92 -24.97 4.61
CA ASN C 68 12.46 -24.50 5.89
CA ASN C 68 12.48 -24.47 5.87
C ASN C 68 11.77 -23.20 6.34
C ASN C 68 11.77 -23.20 6.33
N GLU C 69 11.22 -22.45 5.37
CA GLU C 69 10.51 -21.20 5.66
C GLU C 69 9.11 -21.42 6.21
N TYR C 70 8.67 -22.67 6.29
CA TYR C 70 7.36 -23.00 6.84
C TYR C 70 7.50 -23.64 8.22
N ILE C 71 8.73 -23.77 8.71
CA ILE C 71 8.96 -24.35 10.01
C ILE C 71 8.89 -23.29 11.10
N ASN C 72 8.09 -23.57 12.12
CA ASN C 72 7.88 -22.68 13.26
C ASN C 72 7.46 -21.25 12.88
N LYS C 73 6.44 -21.13 12.05
N LYS C 73 6.43 -21.14 12.06
CA LYS C 73 5.90 -19.85 11.59
CA LYS C 73 5.89 -19.85 11.60
C LYS C 73 4.43 -19.67 12.04
C LYS C 73 4.43 -19.67 12.04
N PRO C 74 4.02 -18.41 12.27
CA PRO C 74 2.65 -18.10 12.71
C PRO C 74 1.52 -18.16 11.70
N ASN C 75 1.75 -17.67 10.48
CA ASN C 75 0.71 -17.66 9.44
C ASN C 75 0.89 -18.65 8.29
N GLN C 76 1.80 -19.60 8.46
CA GLN C 76 2.03 -20.62 7.43
C GLN C 76 2.60 -21.87 8.10
N ILE C 77 2.36 -23.02 7.49
CA ILE C 77 2.80 -24.28 8.05
C ILE C 77 2.79 -25.40 7.03
N ILE C 78 3.51 -26.47 7.37
CA ILE C 78 3.58 -27.68 6.56
C ILE C 78 3.32 -28.90 7.45
N TYR C 79 2.43 -29.80 7.01
CA TYR C 79 2.16 -31.04 7.74
C TYR C 79 2.59 -32.20 6.84
N ILE C 80 3.18 -33.24 7.44
CA ILE C 80 3.61 -34.43 6.69
C ILE C 80 2.83 -35.67 7.13
N ALA C 81 2.66 -36.63 6.21
CA ALA C 81 1.97 -37.90 6.47
C ALA C 81 3.02 -39.02 6.40
N LEU C 82 3.00 -39.89 7.41
CA LEU C 82 3.92 -41.01 7.53
C LEU C 82 3.21 -42.37 7.50
N LEU C 83 3.75 -43.31 6.72
CA LEU C 83 3.17 -44.65 6.59
C LEU C 83 4.37 -45.58 6.65
N HIS C 84 4.27 -46.64 7.46
CA HIS C 84 5.35 -47.61 7.69
C HIS C 84 6.65 -46.84 8.01
N ASN C 85 6.48 -45.74 8.73
CA ASN C 85 7.57 -44.86 9.19
C ASN C 85 8.31 -44.03 8.14
N GLN C 86 7.74 -43.81 6.96
CA GLN C 86 8.42 -42.98 5.97
C GLN C 86 7.45 -41.91 5.50
N ILE C 87 7.99 -40.71 5.22
CA ILE C 87 7.15 -39.60 4.75
C ILE C 87 6.63 -39.95 3.37
N ILE C 88 5.30 -40.04 3.25
CA ILE C 88 4.65 -40.40 1.98
C ILE C 88 3.69 -39.32 1.47
N GLY C 89 3.59 -38.20 2.18
CA GLY C 89 2.71 -37.12 1.74
C GLY C 89 2.90 -35.87 2.59
N PHE C 90 2.37 -34.75 2.13
CA PHE C 90 2.47 -33.51 2.87
C PHE C 90 1.49 -32.47 2.32
N ILE C 91 1.31 -31.41 3.10
CA ILE C 91 0.45 -30.31 2.70
C ILE C 91 1.13 -29.01 3.17
N VAL C 92 1.14 -28.04 2.26
CA VAL C 92 1.75 -26.72 2.47
C VAL C 92 0.63 -25.68 2.54
N LEU C 93 0.57 -24.99 3.67
CA LEU C 93 -0.49 -24.01 3.93
C LEU C 93 0.03 -22.62 4.29
N LYS C 94 -0.75 -21.61 3.91
N LYS C 94 -0.74 -21.60 3.89
CA LYS C 94 -0.42 -20.23 4.25
CA LYS C 94 -0.38 -20.21 4.16
C LYS C 94 -1.73 -19.51 4.46
C LYS C 94 -1.64 -19.36 4.28
N LYS C 95 -1.72 -18.51 5.32
CA LYS C 95 -2.89 -17.69 5.52
C LYS C 95 -2.86 -16.69 4.37
N ASN C 96 -3.96 -16.65 3.62
CA ASN C 96 -4.05 -15.81 2.45
C ASN C 96 -4.55 -14.41 2.81
N TRP C 97 -4.36 -13.47 1.90
CA TRP C 97 -4.79 -12.09 2.09
C TRP C 97 -6.28 -11.92 2.38
N ASN C 98 -7.09 -12.89 1.95
CA ASN C 98 -8.55 -12.86 2.17
C ASN C 98 -9.00 -13.64 3.40
N ASN C 99 -8.06 -13.97 4.28
CA ASN C 99 -8.32 -14.68 5.53
C ASN C 99 -8.57 -16.18 5.43
N TYR C 100 -8.60 -16.74 4.22
CA TYR C 100 -8.74 -18.19 4.08
C TYR C 100 -7.37 -18.86 4.18
N ALA C 101 -7.37 -20.11 4.64
CA ALA C 101 -6.15 -20.89 4.63
C ALA C 101 -6.01 -21.21 3.15
N TYR C 102 -4.80 -21.12 2.62
CA TYR C 102 -4.54 -21.38 1.20
C TYR C 102 -3.62 -22.60 1.07
N ILE C 103 -4.04 -23.59 0.30
CA ILE C 103 -3.23 -24.78 0.09
C ILE C 103 -2.31 -24.52 -1.10
N GLU C 104 -1.02 -24.33 -0.81
N GLU C 104 -1.03 -24.33 -0.83
CA GLU C 104 0.00 -24.09 -1.83
CA GLU C 104 -0.05 -24.10 -1.89
C GLU C 104 0.29 -25.40 -2.57
C GLU C 104 0.28 -25.42 -2.59
N ASP C 105 0.26 -26.51 -1.84
CA ASP C 105 0.50 -27.82 -2.41
C ASP C 105 0.01 -28.90 -1.50
N ILE C 106 -0.51 -29.97 -2.09
CA ILE C 106 -0.88 -31.17 -1.34
C ILE C 106 -0.37 -32.30 -2.23
N THR C 107 0.36 -33.23 -1.63
CA THR C 107 0.90 -34.34 -2.40
C THR C 107 0.92 -35.63 -1.58
N VAL C 108 0.51 -36.72 -2.22
CA VAL C 108 0.59 -38.06 -1.62
C VAL C 108 1.33 -38.90 -2.64
N ASP C 109 2.40 -39.56 -2.21
CA ASP C 109 3.21 -40.38 -3.10
C ASP C 109 2.32 -41.32 -3.93
N LYS C 110 2.63 -41.44 -5.22
CA LYS C 110 1.86 -42.28 -6.14
C LYS C 110 1.58 -43.70 -5.66
N LYS C 111 2.50 -44.27 -4.88
CA LYS C 111 2.33 -45.64 -4.39
C LYS C 111 1.38 -45.76 -3.20
N TYR C 112 1.00 -44.64 -2.58
CA TYR C 112 0.13 -44.68 -1.41
C TYR C 112 -1.16 -43.89 -1.50
N ARG C 113 -1.70 -43.78 -2.71
CA ARG C 113 -2.93 -43.05 -2.92
C ARG C 113 -4.16 -43.90 -2.73
N THR C 114 -5.28 -43.19 -2.61
CA THR C 114 -6.61 -43.76 -2.42
C THR C 114 -6.76 -44.61 -1.14
N LEU C 115 -6.01 -44.23 -0.11
CA LEU C 115 -6.07 -44.86 1.19
C LEU C 115 -6.59 -43.88 2.26
N GLY C 116 -6.89 -42.65 1.84
CA GLY C 116 -7.39 -41.63 2.77
C GLY C 116 -6.36 -40.69 3.34
N VAL C 117 -5.13 -40.76 2.83
CA VAL C 117 -4.06 -39.90 3.34
C VAL C 117 -4.33 -38.44 3.03
N GLY C 118 -4.64 -38.15 1.78
CA GLY C 118 -4.91 -36.78 1.34
C GLY C 118 -6.04 -36.16 2.16
N LYS C 119 -7.11 -36.91 2.32
CA LYS C 119 -8.27 -36.43 3.07
C LYS C 119 -7.89 -36.12 4.54
N ARG C 120 -7.00 -36.93 5.13
CA ARG C 120 -6.55 -36.70 6.49
C ARG C 120 -5.67 -35.44 6.57
N LEU C 121 -4.88 -35.21 5.52
CA LEU C 121 -4.07 -33.98 5.47
C LEU C 121 -4.98 -32.76 5.42
N ILE C 122 -6.05 -32.85 4.63
CA ILE C 122 -7.04 -31.78 4.53
C ILE C 122 -7.70 -31.56 5.89
N ALA C 123 -8.01 -32.65 6.60
CA ALA C 123 -8.64 -32.55 7.92
C ALA C 123 -7.74 -31.78 8.89
N GLN C 124 -6.43 -32.02 8.81
CA GLN C 124 -5.49 -31.34 9.68
C GLN C 124 -5.45 -29.87 9.29
N ALA C 125 -5.46 -29.60 7.99
CA ALA C 125 -5.48 -28.23 7.47
C ALA C 125 -6.69 -27.46 8.01
N LYS C 126 -7.84 -28.12 8.03
N LYS C 126 -7.84 -28.13 8.03
CA LYS C 126 -9.06 -27.50 8.55
CA LYS C 126 -9.07 -27.56 8.53
C LYS C 126 -8.89 -27.12 10.01
C LYS C 126 -8.90 -27.15 10.00
N GLN C 127 -8.24 -28.00 10.79
CA GLN C 127 -8.01 -27.71 12.20
C GLN C 127 -7.11 -26.50 12.37
N TRP C 128 -6.06 -26.45 11.56
CA TRP C 128 -5.10 -25.34 11.59
C TRP C 128 -5.80 -24.03 11.22
N ALA C 129 -6.64 -24.09 10.19
CA ALA C 129 -7.37 -22.91 9.75
C ALA C 129 -8.32 -22.41 10.85
N LYS C 130 -9.10 -23.31 11.43
CA LYS C 130 -10.03 -22.91 12.49
C LYS C 130 -9.33 -22.35 13.72
N GLU C 131 -8.20 -22.98 14.08
N GLU C 131 -8.21 -22.97 14.08
CA GLU C 131 -7.40 -22.54 15.21
CA GLU C 131 -7.44 -22.53 15.24
C GLU C 131 -6.98 -21.09 15.02
C GLU C 131 -6.99 -21.08 15.02
N GLY C 132 -6.67 -20.74 13.78
CA GLY C 132 -6.25 -19.38 13.42
C GLY C 132 -7.40 -18.45 13.00
N ASN C 133 -8.64 -18.81 13.31
CA ASN C 133 -9.82 -18.00 12.98
C ASN C 133 -10.07 -17.73 11.49
N PRO C 135 -12.09 -18.63 8.13
CA PRO C 135 -13.41 -19.21 7.85
C PRO C 135 -13.47 -20.31 6.81
N GLY C 136 -12.36 -20.65 6.18
CA GLY C 136 -12.35 -21.69 5.20
C GLY C 136 -10.97 -21.94 4.63
N ILE C 137 -10.93 -22.77 3.61
CA ILE C 137 -9.70 -23.13 2.91
C ILE C 137 -9.94 -22.97 1.42
N LEU C 139 -7.89 -23.02 -2.72
CA LEU C 139 -6.77 -23.45 -3.50
C LEU C 139 -7.08 -23.27 -4.97
N GLU C 140 -6.04 -23.47 -5.77
N GLU C 140 -6.08 -23.53 -5.80
CA GLU C 140 -6.09 -23.39 -7.20
CA GLU C 140 -6.25 -23.45 -7.25
C GLU C 140 -5.66 -24.72 -7.84
C GLU C 140 -5.69 -24.70 -7.92
N THR C 141 -6.31 -25.04 -8.95
N THR C 141 -6.43 -25.20 -8.90
CA THR C 141 -5.91 -26.21 -9.73
CA THR C 141 -6.02 -26.34 -9.70
C THR C 141 -6.35 -26.01 -11.19
C THR C 141 -6.13 -25.92 -11.16
N GLN C 142 -5.65 -26.67 -12.10
N GLN C 142 -5.87 -26.86 -12.05
CA GLN C 142 -5.92 -26.59 -13.52
CA GLN C 142 -6.01 -26.60 -13.48
C GLN C 142 -7.06 -27.54 -13.90
C GLN C 142 -7.09 -27.55 -13.89
N ASN C 143 -7.82 -27.17 -14.93
CA ASN C 143 -8.93 -28.00 -15.38
C ASN C 143 -8.53 -29.36 -15.94
N ASN C 144 -7.24 -29.59 -16.18
CA ASN C 144 -6.81 -30.89 -16.66
C ASN C 144 -6.36 -31.83 -15.53
N ASN C 145 -6.44 -31.36 -14.28
CA ASN C 145 -6.10 -32.21 -13.15
C ASN C 145 -7.43 -32.68 -12.56
N VAL C 146 -8.10 -33.52 -13.34
CA VAL C 146 -9.41 -34.05 -12.96
C VAL C 146 -9.33 -34.88 -11.68
N ALA C 147 -8.24 -35.62 -11.52
CA ALA C 147 -8.03 -36.42 -10.34
C ALA C 147 -8.09 -35.53 -9.09
N ALA C 148 -7.35 -34.42 -9.09
CA ALA C 148 -7.33 -33.50 -7.94
C ALA C 148 -8.70 -32.87 -7.74
N CYS C 149 -9.35 -32.50 -8.83
CA CYS C 149 -10.68 -31.90 -8.77
C CYS C 149 -11.68 -32.84 -8.09
N LYS C 150 -11.68 -34.10 -8.49
CA LYS C 150 -12.57 -35.07 -7.88
C LYS C 150 -12.23 -35.25 -6.40
N PHE C 151 -10.94 -35.28 -6.07
CA PHE C 151 -10.51 -35.37 -4.67
C PHE C 151 -11.03 -34.17 -3.87
N TYR C 152 -10.91 -32.95 -4.41
CA TYR C 152 -11.38 -31.79 -3.68
C TYR C 152 -12.89 -31.83 -3.49
N GLU C 153 -13.62 -32.28 -4.50
CA GLU C 153 -15.06 -32.41 -4.37
C GLU C 153 -15.40 -33.36 -3.22
N LYS C 154 -14.69 -34.49 -3.13
CA LYS C 154 -14.94 -35.43 -2.03
C LYS C 154 -14.67 -34.83 -0.66
N CYS C 155 -13.71 -33.90 -0.58
CA CYS C 155 -13.35 -33.25 0.67
C CYS C 155 -14.29 -32.09 1.05
N GLY C 156 -15.27 -31.81 0.20
CA GLY C 156 -16.25 -30.77 0.46
C GLY C 156 -16.03 -29.43 -0.21
N PHE C 157 -15.01 -29.32 -1.06
CA PHE C 157 -14.75 -28.06 -1.77
C PHE C 157 -15.72 -27.85 -2.92
N VAL C 158 -15.99 -26.60 -3.25
CA VAL C 158 -16.84 -26.23 -4.36
C VAL C 158 -16.08 -25.22 -5.20
N ILE C 159 -16.45 -25.10 -6.47
CA ILE C 159 -15.78 -24.18 -7.35
C ILE C 159 -16.37 -22.78 -7.14
N GLY C 160 -15.51 -21.82 -6.86
CA GLY C 160 -15.95 -20.44 -6.66
C GLY C 160 -15.57 -19.51 -7.79
N GLY C 161 -14.63 -19.93 -8.63
CA GLY C 161 -14.20 -19.12 -9.74
C GLY C 161 -13.30 -19.86 -10.69
N PHE C 162 -12.87 -19.17 -11.72
N PHE C 162 -13.09 -19.28 -11.86
CA PHE C 162 -12.01 -19.77 -12.69
CA PHE C 162 -12.20 -19.87 -12.88
C PHE C 162 -11.40 -18.65 -13.50
C PHE C 162 -11.67 -18.78 -13.79
N ASP C 163 -10.50 -19.03 -14.41
CA ASP C 163 -9.85 -18.06 -15.27
C ASP C 163 -9.26 -18.74 -16.49
N PHE C 164 -9.75 -18.36 -17.66
N PHE C 164 -9.77 -18.41 -17.67
CA PHE C 164 -9.31 -18.94 -18.93
CA PHE C 164 -9.27 -19.02 -18.90
C PHE C 164 -8.06 -18.32 -19.52
C PHE C 164 -8.16 -18.25 -19.62
N LEU C 165 -7.70 -17.14 -19.05
CA LEU C 165 -6.58 -16.39 -19.64
C LEU C 165 -5.30 -16.27 -18.82
N VAL C 166 -5.36 -16.53 -17.52
CA VAL C 166 -4.18 -16.36 -16.67
C VAL C 166 -2.98 -17.19 -17.11
N TYR C 167 -3.21 -18.44 -17.53
CA TYR C 167 -2.12 -19.30 -17.97
C TYR C 167 -1.57 -18.96 -19.36
N LYS C 168 -2.33 -18.19 -20.16
CA LYS C 168 -1.85 -17.82 -21.49
C LYS C 168 -0.62 -16.91 -21.44
N GLY C 169 -0.34 -16.32 -20.28
CA GLY C 169 0.84 -15.48 -20.10
C GLY C 169 2.12 -16.31 -20.10
N LEU C 170 2.01 -17.58 -19.74
CA LEU C 170 3.18 -18.48 -19.74
C LEU C 170 3.40 -19.08 -21.13
N ASN C 171 2.33 -19.56 -21.76
CA ASN C 171 2.41 -20.14 -23.11
C ASN C 171 1.93 -19.17 -24.18
N SER C 174 -1.33 -23.80 -22.71
CA SER C 174 -2.00 -22.95 -23.70
C SER C 174 -3.52 -22.98 -23.55
N ASP C 175 -4.07 -24.16 -23.26
CA ASP C 175 -5.52 -24.28 -23.12
C ASP C 175 -5.94 -24.55 -21.68
N GLU C 176 -5.01 -24.51 -20.74
CA GLU C 176 -5.37 -24.76 -19.34
C GLU C 176 -6.18 -23.62 -18.76
N VAL C 177 -7.07 -23.99 -17.86
CA VAL C 177 -7.96 -23.07 -17.19
C VAL C 177 -7.75 -23.24 -15.70
N ALA C 178 -7.58 -22.12 -15.00
CA ALA C 178 -7.42 -22.13 -13.53
C ALA C 178 -8.80 -22.29 -12.91
N ILE C 179 -8.90 -23.16 -11.91
CA ILE C 179 -10.15 -23.36 -11.18
C ILE C 179 -9.85 -23.06 -9.71
N TYR C 180 -10.68 -22.25 -9.08
CA TYR C 180 -10.48 -21.85 -7.69
C TYR C 180 -11.52 -22.56 -6.85
N TRP C 181 -11.03 -23.39 -5.92
CA TRP C 181 -11.85 -24.23 -5.04
C TRP C 181 -11.88 -23.70 -3.62
N TYR C 182 -13.05 -23.82 -2.99
CA TYR C 182 -13.28 -23.31 -1.67
C TYR C 182 -14.05 -24.25 -0.78
N LEU C 183 -13.62 -24.32 0.48
CA LEU C 183 -14.27 -25.10 1.51
C LEU C 183 -14.62 -24.12 2.60
N HIS C 184 -15.90 -23.79 2.72
N HIS C 184 -15.91 -23.82 2.73
CA HIS C 184 -16.35 -22.87 3.76
CA HIS C 184 -16.38 -22.92 3.77
C HIS C 184 -16.84 -23.70 4.96
C HIS C 184 -16.73 -23.79 4.96
N PHE C 185 -16.33 -23.38 6.15
CA PHE C 185 -16.69 -24.13 7.35
C PHE C 185 -18.09 -23.78 7.82
N ASP C 186 -18.86 -24.81 8.15
CA ASP C 186 -20.23 -24.63 8.63
C ASP C 186 -20.22 -24.24 10.10
#